data_5T55
#
_entry.id   5T55
#
_cell.length_a   44.681
_cell.length_b   88.233
_cell.length_c   110.782
_cell.angle_alpha   90.000
_cell.angle_beta   90.000
_cell.angle_gamma   90.000
#
_symmetry.space_group_name_H-M   'P 21 21 21'
#
loop_
_entity.id
_entity.type
_entity.pdbx_description
1 polymer Lectin
2 branched 2-acetamido-2-deoxy-beta-D-galactopyranose-(1-3)-beta-D-galactopyranose
3 branched 2-acetamido-2-deoxy-beta-D-galactopyranose-(1-3)-alpha-D-galactopyranose-(1-4)-beta-D-galactopyranose-(1-4)-beta-D-glucopyranose
4 non-polymer 'CALCIUM ION'
5 non-polymer 1,2-ETHANEDIOL
6 non-polymer 'CHLORIDE ION'
7 water water
#
_entity_poly.entity_id   1
_entity_poly.type   'polypeptide(L)'
_entity_poly.pdbx_seq_one_letter_code
;SELSFNYPNFQSVEDITFQGGASPRNETLQLTPTDSNGIPIRQRAGHAVYSQPFQLRDTSFYTTFTFVIRTTSNSPADGF
AIFIAPPDFPVKRYGGYLGLFEPNTATNTSANKVVAVEFDTWVNTEWKEPRYRHIGIDVNSIVSVRVTRWQDKDVFSRSI
ATAHVGYDGISKILTAFVTYPDGGNYVLSHVVDLAEIFPGDVRIGFSGATGQYETQYIHSWSFSSTSTNLLRDGARHHHH
HH
;
_entity_poly.pdbx_strand_id   A,B
#
# COMPACT_ATOMS: atom_id res chain seq x y z
N SER A 1 5.93 14.07 13.39
CA SER A 1 4.96 14.27 14.49
C SER A 1 3.71 13.43 14.28
N GLU A 2 2.87 13.38 15.33
CA GLU A 2 1.67 12.55 15.31
C GLU A 2 0.45 13.34 15.02
N LEU A 3 -0.25 12.88 14.02
CA LEU A 3 -1.48 13.55 13.51
C LEU A 3 -2.37 12.43 12.99
N SER A 4 -3.69 12.56 13.24
CA SER A 4 -4.67 11.65 12.64
C SER A 4 -5.92 12.42 12.33
N PHE A 5 -6.52 12.12 11.18
CA PHE A 5 -7.82 12.67 10.81
C PHE A 5 -8.57 11.70 9.94
N ASN A 6 -9.89 11.91 9.84
CA ASN A 6 -10.76 10.96 9.13
C ASN A 6 -12.00 11.68 8.66
N TYR A 7 -12.11 11.77 7.33
CA TYR A 7 -13.27 12.33 6.61
C TYR A 7 -13.89 11.24 5.73
N PRO A 8 -14.92 10.54 6.28
CA PRO A 8 -15.59 9.55 5.45
C PRO A 8 -16.38 10.15 4.28
N ASN A 9 -16.75 11.43 4.47
CA ASN A 9 -17.33 12.26 3.44
C ASN A 9 -16.96 13.68 3.83
N PHE A 10 -17.32 14.64 2.96
CA PHE A 10 -17.00 16.08 3.24
C PHE A 10 -18.23 16.92 3.50
N GLN A 11 -19.21 16.34 4.21
CA GLN A 11 -20.28 17.21 4.79
C GLN A 11 -19.71 18.14 5.84
N SER A 12 -18.62 17.76 6.49
CA SER A 12 -17.77 18.63 7.21
C SER A 12 -16.46 18.83 6.44
N VAL A 13 -16.04 20.09 6.35
CA VAL A 13 -14.70 20.48 5.95
C VAL A 13 -14.03 21.30 7.02
N GLU A 14 -14.31 20.98 8.26
CA GLU A 14 -13.88 21.77 9.38
C GLU A 14 -12.39 22.17 9.34
N ASP A 15 -11.53 21.19 9.03
CA ASP A 15 -10.07 21.44 9.02
C ASP A 15 -9.50 21.51 7.59
N ILE A 16 -10.30 21.72 6.57
CA ILE A 16 -9.82 21.72 5.18
C ILE A 16 -9.81 23.18 4.71
N THR A 17 -8.67 23.58 4.12
CA THR A 17 -8.50 24.87 3.50
C THR A 17 -8.57 24.75 2.00
N PHE A 18 -9.38 25.65 1.40
CA PHE A 18 -9.63 25.63 -0.12
C PHE A 18 -8.89 26.85 -0.65
N GLN A 19 -8.12 26.65 -1.72
CA GLN A 19 -7.42 27.72 -2.38
C GLN A 19 -7.58 27.64 -3.89
N GLY A 20 -7.47 28.78 -4.57
CA GLY A 20 -7.66 28.79 -6.02
C GLY A 20 -9.04 28.35 -6.42
N GLY A 21 -9.12 27.49 -7.41
CA GLY A 21 -10.37 27.05 -7.95
C GLY A 21 -11.05 25.87 -7.25
N ALA A 22 -10.52 25.41 -6.11
CA ALA A 22 -11.08 24.27 -5.38
C ALA A 22 -12.22 24.75 -4.43
N SER A 23 -13.20 23.88 -4.19
CA SER A 23 -14.30 24.20 -3.33
C SER A 23 -14.98 22.94 -2.84
N PRO A 24 -15.73 23.07 -1.71
CA PRO A 24 -16.53 21.94 -1.24
C PRO A 24 -17.81 21.90 -2.07
N ARG A 25 -18.13 20.76 -2.64
CA ARG A 25 -19.34 20.61 -3.42
C ARG A 25 -19.87 19.21 -3.31
N ASN A 26 -21.16 19.11 -3.08
CA ASN A 26 -21.85 17.78 -3.04
C ASN A 26 -21.08 16.74 -2.23
N GLU A 27 -20.72 17.12 -1.03
CA GLU A 27 -20.07 16.24 -0.04
C GLU A 27 -18.67 15.76 -0.44
N THR A 28 -18.06 16.45 -1.40
CA THR A 28 -16.73 16.14 -1.88
C THR A 28 -15.82 17.36 -1.86
N LEU A 29 -14.51 17.15 -2.09
CA LEU A 29 -13.59 18.21 -2.47
C LEU A 29 -13.54 18.25 -3.97
N GLN A 30 -14.00 19.37 -4.54
CA GLN A 30 -14.01 19.57 -6.00
C GLN A 30 -12.78 20.42 -6.33
N LEU A 31 -11.79 19.83 -6.99
CA LEU A 31 -10.48 20.48 -7.04
C LEU A 31 -10.36 21.58 -8.07
N THR A 32 -11.18 21.55 -9.13
CA THR A 32 -11.22 22.60 -10.15
C THR A 32 -12.66 22.97 -10.40
N PRO A 33 -12.91 24.20 -10.85
CA PRO A 33 -14.29 24.72 -10.86
C PRO A 33 -15.06 24.34 -12.08
N THR A 34 -16.36 24.42 -11.92
CA THR A 34 -17.26 24.26 -13.01
C THR A 34 -18.17 25.51 -13.05
N ASP A 35 -18.71 25.78 -14.22
CA ASP A 35 -19.55 26.98 -14.38
C ASP A 35 -20.99 26.67 -13.91
N SER A 36 -21.89 27.64 -14.05
CA SER A 36 -23.25 27.43 -13.54
C SER A 36 -24.04 26.37 -14.29
N ASN A 37 -23.58 25.95 -15.45
CA ASN A 37 -24.14 24.78 -16.16
C ASN A 37 -23.41 23.45 -15.96
N GLY A 38 -22.47 23.44 -15.02
CA GLY A 38 -21.71 22.26 -14.68
C GLY A 38 -20.54 21.93 -15.65
N ILE A 39 -20.15 22.88 -16.50
CA ILE A 39 -19.16 22.65 -17.53
C ILE A 39 -17.77 22.96 -16.89
N PRO A 40 -16.80 22.04 -17.01
CA PRO A 40 -15.46 22.34 -16.43
C PRO A 40 -14.83 23.61 -17.04
N ILE A 41 -14.31 24.45 -16.19
CA ILE A 41 -13.66 25.69 -16.61
C ILE A 41 -12.23 25.38 -17.00
N ARG A 42 -11.82 25.87 -18.18
CA ARG A 42 -10.46 25.67 -18.67
C ARG A 42 -9.45 26.49 -17.89
N GLN A 43 -8.21 25.97 -17.81
CA GLN A 43 -7.09 26.74 -17.31
C GLN A 43 -7.32 27.26 -15.90
N ARG A 44 -7.67 26.31 -15.01
CA ARG A 44 -7.77 26.61 -13.59
C ARG A 44 -7.03 25.59 -12.76
N ALA A 45 -6.57 26.01 -11.59
CA ALA A 45 -5.96 25.10 -10.63
C ALA A 45 -6.58 25.38 -9.26
N GLY A 46 -6.58 24.36 -8.39
CA GLY A 46 -7.05 24.51 -7.03
C GLY A 46 -6.37 23.56 -6.07
N HIS A 47 -6.31 23.94 -4.82
CA HIS A 47 -5.83 23.09 -3.76
C HIS A 47 -6.87 22.92 -2.69
N ALA A 48 -6.93 21.73 -2.09
CA ALA A 48 -7.72 21.48 -0.91
C ALA A 48 -6.80 20.79 0.05
N VAL A 49 -6.48 21.40 1.20
CA VAL A 49 -5.39 20.89 2.06
C VAL A 49 -5.84 20.75 3.49
N TYR A 50 -5.28 19.78 4.20
CA TYR A 50 -5.53 19.67 5.64
C TYR A 50 -4.85 20.89 6.29
N SER A 51 -5.57 21.65 7.09
CA SER A 51 -5.10 22.93 7.48
C SER A 51 -3.94 22.97 8.46
N GLN A 52 -3.76 21.92 9.25
CA GLN A 52 -2.78 21.91 10.31
C GLN A 52 -1.42 21.41 9.84
N PRO A 53 -0.36 22.15 10.14
CA PRO A 53 0.98 21.66 9.81
C PRO A 53 1.40 20.49 10.70
N PHE A 54 2.29 19.70 10.14
CA PHE A 54 2.93 18.63 10.89
C PHE A 54 4.38 18.54 10.47
N GLN A 55 5.18 17.71 11.17
CA GLN A 55 6.58 17.55 10.88
C GLN A 55 6.79 16.13 10.38
N LEU A 56 7.83 15.95 9.59
CA LEU A 56 8.24 14.65 9.06
C LEU A 56 9.46 14.02 9.69
N ARG A 57 10.14 14.69 10.59
CA ARG A 57 11.34 14.09 11.26
C ARG A 57 10.90 12.86 12.03
N ASP A 58 11.61 11.75 11.81
CA ASP A 58 11.33 10.52 12.55
C ASP A 58 9.84 10.14 12.54
N THR A 59 9.22 10.19 11.34
CA THR A 59 7.80 9.94 11.16
C THR A 59 7.50 8.99 10.02
N SER A 60 6.55 8.06 10.22
CA SER A 60 5.93 7.35 9.15
C SER A 60 4.48 7.83 9.04
N PHE A 61 3.88 7.64 7.87
CA PHE A 61 2.46 7.97 7.72
C PHE A 61 1.76 7.01 6.77
N TYR A 62 0.43 6.94 6.93
CA TYR A 62 -0.43 6.21 6.06
C TYR A 62 -1.61 7.12 5.75
N THR A 63 -1.99 7.22 4.50
CA THR A 63 -3.16 7.98 4.10
C THR A 63 -3.89 7.25 3.01
N THR A 64 -5.20 7.38 3.02
CA THR A 64 -6.02 6.77 1.99
C THR A 64 -7.11 7.75 1.61
N PHE A 65 -7.50 7.74 0.36
CA PHE A 65 -8.58 8.58 -0.15
C PHE A 65 -9.27 7.91 -1.29
N THR A 66 -10.53 8.32 -1.50
CA THR A 66 -11.27 7.87 -2.67
C THR A 66 -11.50 9.05 -3.59
N PHE A 67 -11.57 8.78 -4.87
CA PHE A 67 -11.64 9.83 -5.87
C PHE A 67 -12.44 9.40 -7.10
N VAL A 68 -12.93 10.42 -7.81
CA VAL A 68 -13.57 10.24 -9.08
C VAL A 68 -13.03 11.29 -10.05
N ILE A 69 -12.69 10.86 -11.26
CA ILE A 69 -12.41 11.74 -12.35
C ILE A 69 -13.66 11.78 -13.21
N ARG A 70 -14.24 12.98 -13.41
CA ARG A 70 -15.42 13.14 -14.28
C ARG A 70 -14.93 13.80 -15.59
N THR A 71 -15.12 13.12 -16.71
CA THR A 71 -14.70 13.62 -18.00
C THR A 71 -15.94 13.85 -18.81
N THR A 72 -15.80 14.88 -19.70
CA THR A 72 -16.84 15.24 -20.65
C THR A 72 -16.41 15.01 -22.11
N SER A 73 -15.21 14.45 -22.29
CA SER A 73 -14.68 14.10 -23.59
C SER A 73 -13.61 13.03 -23.46
N ASN A 74 -13.24 12.46 -24.57
CA ASN A 74 -12.07 11.58 -24.68
C ASN A 74 -10.68 12.25 -24.64
N SER A 75 -10.65 13.55 -24.43
CA SER A 75 -9.42 14.32 -24.34
C SER A 75 -9.38 15.20 -23.06
N PRO A 76 -9.55 14.59 -21.91
CA PRO A 76 -9.51 15.35 -20.68
C PRO A 76 -8.12 15.85 -20.34
N ALA A 77 -8.03 16.93 -19.58
CA ALA A 77 -6.77 17.40 -19.03
C ALA A 77 -7.06 18.20 -17.76
N ASP A 78 -6.20 18.18 -16.75
CA ASP A 78 -4.82 17.64 -16.73
C ASP A 78 -4.55 16.57 -15.67
N GLY A 79 -5.46 16.42 -14.71
CA GLY A 79 -5.28 15.50 -13.61
C GLY A 79 -5.23 16.14 -12.24
N PHE A 80 -4.77 15.37 -11.26
CA PHE A 80 -4.60 15.87 -9.93
C PHE A 80 -3.49 15.16 -9.22
N ALA A 81 -3.18 15.62 -8.03
CA ALA A 81 -2.12 15.00 -7.21
C ALA A 81 -2.47 15.14 -5.76
N ILE A 82 -1.95 14.21 -4.95
CA ILE A 82 -1.80 14.40 -3.52
C ILE A 82 -0.38 14.86 -3.27
N PHE A 83 -0.18 15.92 -2.49
CA PHE A 83 1.14 16.52 -2.35
C PHE A 83 1.46 16.85 -0.92
N ILE A 84 2.75 16.93 -0.62
CA ILE A 84 3.30 17.44 0.60
C ILE A 84 4.23 18.61 0.25
N ALA A 85 4.12 19.73 0.98
CA ALA A 85 4.93 20.92 0.71
C ALA A 85 4.91 21.77 2.00
N PRO A 86 5.70 22.84 2.05
CA PRO A 86 5.61 23.72 3.23
C PRO A 86 4.20 24.30 3.41
N PRO A 87 3.91 24.83 4.64
CA PRO A 87 2.51 25.23 4.83
C PRO A 87 2.06 26.41 4.01
N ASP A 88 3.01 27.26 3.57
CA ASP A 88 2.71 28.39 2.71
C ASP A 88 2.87 28.12 1.25
N PHE A 89 2.92 26.87 0.83
CA PHE A 89 2.96 26.54 -0.57
C PHE A 89 1.62 26.93 -1.17
N PRO A 90 1.65 27.77 -2.21
CA PRO A 90 0.43 28.30 -2.81
C PRO A 90 -0.04 27.47 -3.98
N VAL A 91 -1.24 27.76 -4.48
CA VAL A 91 -1.71 27.24 -5.76
C VAL A 91 -0.82 27.80 -6.88
N LYS A 92 -0.19 26.91 -7.69
CA LYS A 92 0.61 27.37 -8.81
C LYS A 92 -0.14 27.13 -10.12
N ARG A 93 0.61 26.94 -11.22
CA ARG A 93 0.05 27.12 -12.55
C ARG A 93 -0.94 25.98 -12.93
N TYR A 94 -2.01 26.36 -13.63
CA TYR A 94 -2.96 25.49 -14.24
C TYR A 94 -2.33 24.71 -15.40
N GLY A 95 -3.11 23.89 -16.08
CA GLY A 95 -2.62 23.03 -17.15
C GLY A 95 -1.73 21.92 -16.59
N GLY A 96 -0.74 21.54 -17.41
CA GLY A 96 0.03 20.33 -17.05
C GLY A 96 0.91 20.45 -15.89
N TYR A 97 1.05 21.67 -15.32
CA TYR A 97 1.78 21.93 -14.09
C TYR A 97 1.02 21.44 -12.86
N LEU A 98 -0.28 21.09 -13.01
CA LEU A 98 -1.07 20.39 -12.00
C LEU A 98 -1.26 21.24 -10.77
N GLY A 99 -1.14 22.58 -10.88
CA GLY A 99 -1.19 23.42 -9.69
C GLY A 99 -0.03 23.38 -8.75
N LEU A 100 1.05 22.69 -9.17
CA LEU A 100 2.20 22.45 -8.31
C LEU A 100 3.49 23.13 -8.68
N PHE A 101 3.58 23.60 -9.95
CA PHE A 101 4.79 24.15 -10.53
C PHE A 101 4.42 25.37 -11.37
N GLU A 102 5.45 26.06 -11.86
CA GLU A 102 5.28 27.12 -12.87
C GLU A 102 6.23 26.89 -14.04
N PRO A 103 5.89 27.47 -15.18
CA PRO A 103 6.64 27.13 -16.39
C PRO A 103 8.15 27.32 -16.30
N ASN A 104 8.63 28.36 -15.63
CA ASN A 104 10.04 28.64 -15.71
C ASN A 104 10.97 27.79 -14.89
N THR A 105 10.38 27.03 -13.98
CA THR A 105 11.15 26.20 -13.07
C THR A 105 10.58 24.80 -12.87
N ALA A 106 9.62 24.42 -13.70
CA ALA A 106 8.89 23.17 -13.49
C ALA A 106 9.77 21.93 -13.46
N THR A 107 10.88 21.94 -14.20
CA THR A 107 11.73 20.78 -14.29
C THR A 107 13.02 20.94 -13.50
N ASN A 108 13.12 22.02 -12.75
CA ASN A 108 14.33 22.41 -12.03
C ASN A 108 14.23 21.93 -10.59
N THR A 109 14.88 20.81 -10.28
CA THR A 109 14.76 20.27 -8.94
C THR A 109 15.31 21.16 -7.79
N SER A 110 16.25 22.03 -8.11
CA SER A 110 16.82 22.91 -7.10
C SER A 110 15.87 24.05 -6.77
N ALA A 111 14.84 24.25 -7.59
CA ALA A 111 13.95 25.42 -7.47
C ALA A 111 12.59 25.11 -6.89
N ASN A 112 12.33 23.83 -6.55
CA ASN A 112 11.02 23.44 -5.97
C ASN A 112 11.26 22.61 -4.72
N LYS A 113 10.29 22.65 -3.84
CA LYS A 113 10.22 21.84 -2.62
C LYS A 113 8.80 21.30 -2.49
N VAL A 114 8.52 20.22 -3.20
CA VAL A 114 7.18 19.61 -3.20
C VAL A 114 7.36 18.16 -3.66
N VAL A 115 6.64 17.29 -2.96
CA VAL A 115 6.62 15.85 -3.33
C VAL A 115 5.17 15.46 -3.55
N ALA A 116 4.89 14.67 -4.58
CA ALA A 116 3.50 14.38 -4.91
C ALA A 116 3.33 13.02 -5.54
N VAL A 117 2.13 12.48 -5.44
CA VAL A 117 1.72 11.34 -6.27
C VAL A 117 0.68 11.93 -7.25
N GLU A 118 0.98 11.88 -8.54
CA GLU A 118 0.15 12.47 -9.58
C GLU A 118 -0.63 11.44 -10.36
N PHE A 119 -1.81 11.89 -10.83
CA PHE A 119 -2.73 11.13 -11.62
C PHE A 119 -2.92 11.96 -12.85
N ASP A 120 -2.18 11.63 -13.92
CA ASP A 120 -1.97 12.55 -15.04
C ASP A 120 -2.74 12.09 -16.26
N THR A 121 -3.74 12.90 -16.65
CA THR A 121 -4.66 12.54 -17.70
C THR A 121 -4.29 13.02 -19.08
N TRP A 122 -3.22 13.84 -19.18
CA TRP A 122 -2.86 14.49 -20.45
C TRP A 122 -1.36 14.42 -20.70
N VAL A 123 -1.02 13.79 -21.82
CA VAL A 123 0.40 13.63 -22.18
C VAL A 123 0.91 15.01 -22.71
N ASN A 124 1.82 15.57 -21.91
CA ASN A 124 2.52 16.80 -22.24
C ASN A 124 3.78 16.49 -23.05
N THR A 125 3.97 17.26 -24.09
CA THR A 125 5.23 17.25 -24.85
C THR A 125 6.17 18.37 -24.48
N GLU A 126 5.70 19.26 -23.60
CA GLU A 126 6.51 20.40 -23.19
C GLU A 126 7.66 20.04 -22.26
N TRP A 127 7.57 18.86 -21.69
CA TRP A 127 8.61 18.25 -20.87
C TRP A 127 8.48 16.75 -21.05
N LYS A 128 9.44 16.00 -20.50
CA LYS A 128 9.43 14.57 -20.66
C LYS A 128 8.34 13.91 -19.82
N GLU A 129 7.48 13.18 -20.49
CA GLU A 129 6.44 12.36 -19.88
C GLU A 129 6.29 11.15 -20.73
N PRO A 130 5.72 10.05 -20.15
CA PRO A 130 5.40 8.88 -21.01
C PRO A 130 4.32 9.18 -22.01
N ARG A 131 4.25 8.37 -23.07
CA ARG A 131 3.32 8.61 -24.20
C ARG A 131 1.92 8.10 -23.87
N TYR A 132 1.59 7.94 -22.63
CA TYR A 132 0.29 7.40 -22.21
C TYR A 132 -0.08 8.09 -20.91
N ARG A 133 -1.35 8.05 -20.58
CA ARG A 133 -1.83 8.55 -19.26
C ARG A 133 -1.10 7.73 -18.17
N HIS A 134 -0.83 8.31 -17.01
CA HIS A 134 0.10 7.70 -16.06
C HIS A 134 -0.14 8.17 -14.65
N ILE A 135 0.29 7.37 -13.71
CA ILE A 135 0.38 7.73 -12.29
C ILE A 135 1.88 7.81 -11.99
N GLY A 136 2.27 8.82 -11.24
CA GLY A 136 3.66 9.01 -10.95
C GLY A 136 3.99 9.59 -9.61
N ILE A 137 5.24 9.42 -9.21
CA ILE A 137 5.78 10.06 -8.03
C ILE A 137 6.68 11.20 -8.50
N ASP A 138 6.39 12.41 -8.00
CA ASP A 138 7.12 13.62 -8.32
C ASP A 138 7.93 14.13 -7.12
N VAL A 139 9.20 14.40 -7.34
CA VAL A 139 10.06 14.97 -6.30
C VAL A 139 10.71 16.20 -6.88
N ASN A 140 10.11 17.36 -6.55
CA ASN A 140 10.67 18.65 -6.91
C ASN A 140 10.69 18.95 -8.41
N SER A 141 9.89 18.25 -9.19
CA SER A 141 9.85 18.43 -10.61
C SER A 141 8.57 17.81 -11.16
N ILE A 142 8.05 18.40 -12.22
CA ILE A 142 6.92 17.84 -12.99
C ILE A 142 7.27 16.61 -13.77
N VAL A 143 8.58 16.39 -13.94
CA VAL A 143 9.02 15.15 -14.63
C VAL A 143 9.14 14.10 -13.52
N SER A 144 8.22 13.14 -13.55
CA SER A 144 8.15 12.13 -12.45
C SER A 144 9.43 11.28 -12.36
N VAL A 145 9.84 11.04 -11.13
CA VAL A 145 10.95 10.15 -10.89
C VAL A 145 10.59 8.68 -11.03
N ARG A 146 9.32 8.35 -10.85
CA ARG A 146 8.79 7.01 -11.04
C ARG A 146 7.41 7.15 -11.68
N VAL A 147 7.14 6.40 -12.74
CA VAL A 147 5.90 6.58 -13.49
C VAL A 147 5.48 5.24 -14.00
N THR A 148 4.16 5.03 -14.01
CA THR A 148 3.55 3.81 -14.55
C THR A 148 2.32 4.11 -15.38
N ARG A 149 2.02 3.24 -16.34
CA ARG A 149 0.83 3.41 -17.19
C ARG A 149 -0.44 3.31 -16.41
N TRP A 150 -1.31 4.27 -16.62
CA TRP A 150 -2.64 4.30 -16.05
C TRP A 150 -3.61 3.92 -17.18
N GLN A 151 -4.27 2.76 -17.02
CA GLN A 151 -5.08 2.24 -18.10
C GLN A 151 -6.27 3.16 -18.40
N ASP A 152 -6.55 3.36 -19.70
CA ASP A 152 -7.68 4.20 -20.08
C ASP A 152 -9.04 3.65 -19.56
N LYS A 153 -9.16 2.30 -19.49
CA LYS A 153 -10.38 1.74 -18.96
C LYS A 153 -10.65 2.23 -17.55
N ASP A 154 -9.60 2.40 -16.76
CA ASP A 154 -9.72 2.89 -15.41
C ASP A 154 -9.91 4.42 -15.41
N VAL A 155 -9.09 5.13 -16.18
CA VAL A 155 -9.19 6.59 -16.24
C VAL A 155 -10.67 7.01 -16.46
N PHE A 156 -11.32 6.35 -17.41
CA PHE A 156 -12.68 6.69 -17.86
C PHE A 156 -13.80 5.82 -17.23
N SER A 157 -13.46 5.09 -16.16
CA SER A 157 -14.41 4.11 -15.59
C SER A 157 -15.65 4.75 -14.97
N ARG A 158 -15.54 6.00 -14.53
CA ARG A 158 -16.58 6.63 -13.70
C ARG A 158 -16.70 6.05 -12.28
N SER A 159 -15.72 5.21 -11.93
CA SER A 159 -15.67 4.53 -10.63
C SER A 159 -15.14 5.42 -9.53
N ILE A 160 -15.56 5.14 -8.31
CA ILE A 160 -14.86 5.63 -7.13
C ILE A 160 -13.66 4.76 -6.90
N ALA A 161 -12.50 5.31 -7.19
CA ALA A 161 -11.20 4.62 -7.04
C ALA A 161 -10.62 4.90 -5.68
N THR A 162 -9.71 4.03 -5.26
CA THR A 162 -9.05 4.18 -3.95
C THR A 162 -7.56 4.32 -4.12
N ALA A 163 -6.94 5.27 -3.41
CA ALA A 163 -5.50 5.37 -3.27
C ALA A 163 -5.09 5.13 -1.85
N HIS A 164 -3.95 4.48 -1.72
CA HIS A 164 -3.26 4.33 -0.47
C HIS A 164 -1.85 4.84 -0.62
N VAL A 165 -1.44 5.80 0.20
CA VAL A 165 -0.12 6.37 0.12
C VAL A 165 0.53 6.25 1.50
N GLY A 166 1.72 5.68 1.51
CA GLY A 166 2.45 5.46 2.75
C GLY A 166 3.87 5.91 2.65
N TYR A 167 4.39 6.32 3.80
CA TYR A 167 5.80 6.69 3.91
C TYR A 167 6.35 5.97 5.12
N ASP A 168 7.39 5.20 4.85
CA ASP A 168 8.13 4.47 5.88
C ASP A 168 9.32 5.35 6.23
N GLY A 169 9.29 5.95 7.41
CA GLY A 169 10.32 6.87 7.83
C GLY A 169 11.66 6.26 8.23
N ILE A 170 11.66 4.93 8.38
CA ILE A 170 12.92 4.18 8.66
C ILE A 170 13.63 3.92 7.36
N SER A 171 12.94 3.27 6.42
CA SER A 171 13.54 2.98 5.13
C SER A 171 13.59 4.13 4.12
N LYS A 172 12.84 5.21 4.41
CA LYS A 172 12.80 6.43 3.60
C LYS A 172 12.19 6.10 2.24
N ILE A 173 11.01 5.42 2.28
CA ILE A 173 10.33 5.02 1.04
C ILE A 173 8.88 5.50 1.02
N LEU A 174 8.51 6.13 -0.09
CA LEU A 174 7.15 6.56 -0.37
C LEU A 174 6.53 5.61 -1.34
N THR A 175 5.33 5.11 -1.03
CA THR A 175 4.65 4.11 -1.86
C THR A 175 3.20 4.55 -2.09
N ALA A 176 2.73 4.34 -3.32
CA ALA A 176 1.32 4.43 -3.64
C ALA A 176 0.79 3.12 -4.19
N PHE A 177 -0.37 2.69 -3.66
CA PHE A 177 -1.19 1.68 -4.25
C PHE A 177 -2.52 2.31 -4.67
N VAL A 178 -2.91 2.07 -5.90
CA VAL A 178 -4.15 2.64 -6.43
C VAL A 178 -4.99 1.48 -6.94
N THR A 179 -6.27 1.41 -6.57
CA THR A 179 -7.09 0.28 -6.93
C THR A 179 -8.43 0.79 -7.53
N TYR A 180 -8.95 0.04 -8.50
CA TYR A 180 -10.24 0.31 -9.12
C TYR A 180 -11.10 -0.91 -8.87
N PRO A 181 -12.38 -0.69 -8.54
CA PRO A 181 -13.29 -1.82 -8.38
C PRO A 181 -13.51 -2.55 -9.66
N ASP A 182 -13.26 -3.85 -9.67
CA ASP A 182 -13.34 -4.63 -10.95
C ASP A 182 -12.46 -4.04 -12.05
N GLY A 183 -11.39 -3.38 -11.63
CA GLY A 183 -10.43 -2.77 -12.57
C GLY A 183 -8.97 -2.97 -12.20
N GLY A 184 -8.13 -2.07 -12.64
CA GLY A 184 -6.72 -2.16 -12.43
C GLY A 184 -6.26 -1.85 -11.03
N ASN A 185 -5.07 -2.37 -10.76
CA ASN A 185 -4.29 -2.06 -9.56
C ASN A 185 -2.96 -1.53 -9.97
N TYR A 186 -2.45 -0.58 -9.22
CA TYR A 186 -1.18 0.10 -9.56
C TYR A 186 -0.31 0.21 -8.30
N VAL A 187 0.98 -0.01 -8.47
CA VAL A 187 1.98 0.02 -7.40
C VAL A 187 3.20 0.85 -7.85
N LEU A 188 3.55 1.87 -7.06
CA LEU A 188 4.71 2.67 -7.31
C LEU A 188 5.39 3.02 -6.04
N SER A 189 6.71 2.88 -5.96
CA SER A 189 7.48 3.22 -4.78
C SER A 189 8.77 3.93 -5.20
N HIS A 190 9.28 4.72 -4.27
CA HIS A 190 10.50 5.47 -4.50
C HIS A 190 11.20 5.78 -3.18
N VAL A 191 12.54 5.59 -3.17
CA VAL A 191 13.33 5.98 -2.04
C VAL A 191 13.51 7.54 -2.10
N VAL A 192 13.08 8.19 -0.99
CA VAL A 192 13.23 9.63 -0.86
C VAL A 192 13.18 9.98 0.60
N ASP A 193 14.14 10.76 1.04
CA ASP A 193 14.21 11.17 2.43
C ASP A 193 13.42 12.45 2.64
N LEU A 194 12.16 12.29 3.05
CA LEU A 194 11.32 13.46 3.13
C LEU A 194 11.74 14.44 4.20
N ALA A 195 12.31 13.95 5.28
CA ALA A 195 12.76 14.80 6.34
C ALA A 195 13.93 15.69 5.88
N GLU A 196 14.76 15.18 4.94
CA GLU A 196 15.82 15.99 4.41
C GLU A 196 15.28 17.11 3.52
N ILE A 197 14.28 16.81 2.72
CA ILE A 197 13.63 17.82 1.87
C ILE A 197 12.89 18.85 2.66
N PHE A 198 12.24 18.39 3.70
CA PHE A 198 11.31 19.18 4.53
C PHE A 198 11.78 19.13 6.02
N PRO A 199 12.79 19.93 6.36
CA PRO A 199 13.24 19.91 7.76
C PRO A 199 12.35 20.62 8.78
N GLY A 200 11.36 21.32 8.32
CA GLY A 200 10.45 22.05 9.19
C GLY A 200 9.05 21.54 9.10
N ASP A 201 8.09 22.40 9.02
CA ASP A 201 6.69 22.01 8.96
C ASP A 201 6.27 21.76 7.51
N VAL A 202 5.25 20.91 7.36
CA VAL A 202 4.60 20.68 6.07
C VAL A 202 3.07 20.65 6.24
N ARG A 203 2.36 20.78 5.10
CA ARG A 203 0.94 20.41 5.01
C ARG A 203 0.78 19.43 3.86
N ILE A 204 -0.22 18.59 4.01
CA ILE A 204 -0.62 17.62 3.00
C ILE A 204 -1.94 18.04 2.38
N GLY A 205 -2.10 17.78 1.10
CA GLY A 205 -3.35 18.13 0.42
C GLY A 205 -3.42 17.66 -0.99
N PHE A 206 -4.42 18.17 -1.69
CA PHE A 206 -4.69 17.83 -3.04
C PHE A 206 -4.56 19.04 -3.94
N SER A 207 -4.06 18.85 -5.16
CA SER A 207 -4.02 19.88 -6.21
C SER A 207 -4.60 19.31 -7.47
N GLY A 208 -5.50 20.05 -8.10
CA GLY A 208 -6.08 19.64 -9.38
C GLY A 208 -5.89 20.76 -10.41
N ALA A 209 -5.90 20.41 -11.68
CA ALA A 209 -5.83 21.45 -12.74
C ALA A 209 -6.47 21.04 -14.00
N THR A 210 -7.04 22.05 -14.68
CA THR A 210 -7.47 21.96 -16.07
C THR A 210 -6.58 22.95 -16.85
N GLY A 211 -6.51 22.84 -18.17
CA GLY A 211 -6.98 21.71 -18.94
C GLY A 211 -8.36 21.95 -19.54
N GLN A 212 -9.12 20.87 -19.65
CA GLN A 212 -10.38 20.85 -20.41
C GLN A 212 -11.15 19.58 -20.09
N TYR A 213 -12.46 19.68 -20.00
CA TYR A 213 -13.33 18.52 -20.07
C TYR A 213 -13.11 17.55 -18.91
N GLU A 214 -12.76 18.09 -17.76
CA GLU A 214 -12.42 17.26 -16.62
C GLU A 214 -12.67 17.97 -15.33
N THR A 215 -13.18 17.25 -14.32
CA THR A 215 -13.25 17.72 -12.96
C THR A 215 -12.80 16.58 -12.09
N GLN A 216 -12.09 16.88 -11.03
CA GLN A 216 -11.52 15.87 -10.11
C GLN A 216 -12.16 16.06 -8.74
N TYR A 217 -12.65 14.98 -8.16
CA TYR A 217 -13.36 14.98 -6.91
C TYR A 217 -12.73 14.02 -5.92
N ILE A 218 -12.53 14.47 -4.68
CA ILE A 218 -12.10 13.65 -3.55
C ILE A 218 -13.34 13.36 -2.70
N HIS A 219 -13.66 12.09 -2.52
CA HIS A 219 -14.88 11.66 -1.81
C HIS A 219 -14.67 11.37 -0.33
N SER A 220 -13.48 10.91 0.03
CA SER A 220 -13.19 10.58 1.42
C SER A 220 -11.67 10.64 1.60
N TRP A 221 -11.21 10.79 2.84
CA TRP A 221 -9.76 10.91 3.12
C TRP A 221 -9.52 10.65 4.59
N SER A 222 -8.54 9.80 4.90
CA SER A 222 -8.09 9.67 6.26
C SER A 222 -6.54 9.61 6.24
N PHE A 223 -5.97 9.89 7.39
CA PHE A 223 -4.54 10.02 7.55
C PHE A 223 -4.15 9.64 8.95
N SER A 224 -3.00 9.02 9.09
CA SER A 224 -2.34 8.81 10.42
C SER A 224 -0.86 8.85 10.26
N SER A 225 -0.21 9.58 11.17
CA SER A 225 1.23 9.60 11.27
C SER A 225 1.66 9.20 12.67
N THR A 226 2.82 8.55 12.74
CA THR A 226 3.35 8.05 14.02
C THR A 226 4.85 8.27 14.04
N SER A 227 5.40 8.42 15.23
CA SER A 227 6.85 8.47 15.41
C SER A 227 7.52 7.13 15.15
N THR A 228 8.70 7.16 14.52
CA THR A 228 9.52 5.97 14.35
C THR A 228 10.48 5.73 15.52
N ASN A 229 10.43 6.59 16.55
CA ASN A 229 11.07 6.30 17.85
C ASN A 229 10.15 5.37 18.58
N SER B 1 5.63 -12.28 -14.82
CA SER B 1 4.49 -12.67 -15.68
C SER B 1 3.20 -12.12 -15.07
N GLU B 2 2.09 -12.28 -15.85
CA GLU B 2 0.80 -11.74 -15.53
C GLU B 2 -0.13 -12.84 -14.99
N LEU B 3 -0.67 -12.64 -13.81
CA LEU B 3 -1.57 -13.55 -13.15
C LEU B 3 -2.52 -12.68 -12.34
N SER B 4 -3.78 -13.06 -12.27
CA SER B 4 -4.72 -12.42 -11.36
C SER B 4 -5.70 -13.48 -10.82
N PHE B 5 -6.10 -13.28 -9.59
CA PHE B 5 -7.13 -14.07 -8.96
C PHE B 5 -7.86 -13.26 -7.89
N ASN B 6 -9.03 -13.73 -7.52
CA ASN B 6 -9.88 -13.05 -6.57
C ASN B 6 -10.79 -14.04 -5.84
N TYR B 7 -10.61 -14.07 -4.52
CA TYR B 7 -11.47 -14.80 -3.57
C TYR B 7 -12.16 -13.80 -2.68
N PRO B 8 -13.41 -13.44 -2.97
CA PRO B 8 -14.05 -12.50 -2.04
C PRO B 8 -14.40 -13.13 -0.71
N ASN B 9 -14.46 -14.48 -0.74
CA ASN B 9 -14.52 -15.35 0.46
C ASN B 9 -13.97 -16.68 -0.02
N PHE B 10 -13.89 -17.67 0.87
CA PHE B 10 -13.44 -18.98 0.49
C PHE B 10 -14.56 -20.03 0.61
N GLN B 11 -15.76 -19.67 0.14
CA GLN B 11 -16.77 -20.65 -0.11
C GLN B 11 -16.24 -21.72 -1.09
N SER B 12 -15.48 -21.30 -2.09
CA SER B 12 -14.78 -22.20 -3.02
C SER B 12 -13.29 -21.99 -2.70
N VAL B 13 -12.55 -23.11 -2.71
CA VAL B 13 -11.11 -23.10 -2.54
C VAL B 13 -10.45 -23.71 -3.72
N GLU B 14 -11.12 -23.60 -4.86
CA GLU B 14 -10.56 -24.06 -6.12
C GLU B 14 -9.25 -23.27 -6.31
N ASP B 15 -8.19 -23.97 -6.75
CA ASP B 15 -6.86 -23.44 -7.03
C ASP B 15 -6.08 -23.04 -5.77
N ILE B 16 -6.48 -23.49 -4.58
CA ILE B 16 -5.69 -23.36 -3.38
C ILE B 16 -5.09 -24.74 -3.05
N THR B 17 -3.76 -24.79 -2.83
CA THR B 17 -3.08 -26.02 -2.39
C THR B 17 -2.89 -25.94 -0.87
N PHE B 18 -3.42 -26.91 -0.13
CA PHE B 18 -3.24 -26.95 1.31
C PHE B 18 -2.18 -27.97 1.66
N GLN B 19 -1.30 -27.60 2.56
CA GLN B 19 -0.31 -28.51 3.12
C GLN B 19 -0.21 -28.36 4.62
N GLY B 20 0.39 -29.36 5.26
CA GLY B 20 0.49 -29.31 6.70
C GLY B 20 -0.86 -29.36 7.36
N GLY B 21 -0.99 -28.52 8.37
CA GLY B 21 -2.22 -28.42 9.16
C GLY B 21 -3.24 -27.39 8.67
N ALA B 22 -3.07 -26.83 7.46
CA ALA B 22 -4.02 -25.81 6.93
C ALA B 22 -5.20 -26.52 6.25
N SER B 23 -6.38 -25.87 6.31
CA SER B 23 -7.56 -26.43 5.67
C SER B 23 -8.60 -25.35 5.46
N PRO B 24 -9.57 -25.63 4.57
CA PRO B 24 -10.74 -24.75 4.46
C PRO B 24 -11.66 -24.97 5.60
N ARG B 25 -12.12 -23.90 6.24
CA ARG B 25 -13.06 -24.05 7.38
C ARG B 25 -13.95 -22.83 7.44
N ASN B 26 -15.26 -23.06 7.45
CA ASN B 26 -16.22 -21.99 7.66
C ASN B 26 -15.97 -20.83 6.65
N GLU B 27 -15.70 -21.21 5.37
CA GLU B 27 -15.55 -20.28 4.28
C GLU B 27 -14.29 -19.35 4.41
N THR B 28 -13.29 -19.83 5.17
CA THR B 28 -12.01 -19.15 5.36
C THR B 28 -10.87 -20.15 5.14
N LEU B 29 -9.64 -19.61 5.01
CA LEU B 29 -8.46 -20.48 5.06
C LEU B 29 -8.02 -20.56 6.52
N GLN B 30 -8.06 -21.74 7.15
CA GLN B 30 -7.63 -21.93 8.46
C GLN B 30 -6.18 -22.43 8.45
N LEU B 31 -5.23 -21.63 8.91
CA LEU B 31 -3.82 -21.96 8.64
C LEU B 31 -3.22 -23.00 9.57
N THR B 32 -3.74 -23.12 10.77
CA THR B 32 -3.29 -24.12 11.73
C THR B 32 -4.49 -24.87 12.25
N PRO B 33 -4.29 -26.13 12.66
CA PRO B 33 -5.44 -26.98 12.92
C PRO B 33 -5.98 -26.86 14.34
N THR B 34 -7.24 -27.20 14.49
CA THR B 34 -7.90 -27.31 15.77
C THR B 34 -8.46 -28.73 15.92
N ASP B 35 -8.60 -29.18 17.16
CA ASP B 35 -9.25 -30.46 17.41
C ASP B 35 -10.75 -30.32 17.25
N SER B 36 -11.50 -31.41 17.45
CA SER B 36 -12.95 -31.39 17.17
C SER B 36 -13.72 -30.52 18.22
N ASN B 37 -13.06 -30.17 19.33
CA ASN B 37 -13.62 -29.20 20.32
C ASN B 37 -13.20 -27.76 20.02
N GLY B 38 -12.48 -27.53 18.95
CA GLY B 38 -12.09 -26.18 18.61
C GLY B 38 -10.79 -25.70 19.24
N ILE B 39 -10.05 -26.59 19.93
CA ILE B 39 -8.87 -26.16 20.62
C ILE B 39 -7.63 -26.21 19.67
N PRO B 40 -6.88 -25.09 19.54
CA PRO B 40 -5.66 -25.06 18.70
C PRO B 40 -4.69 -26.19 19.09
N ILE B 41 -4.25 -26.95 18.12
CA ILE B 41 -3.27 -28.00 18.33
C ILE B 41 -1.89 -27.39 18.35
N ARG B 42 -1.15 -27.66 19.43
CA ARG B 42 0.20 -27.11 19.58
C ARG B 42 1.20 -27.72 18.64
N GLN B 43 2.22 -26.91 18.28
CA GLN B 43 3.34 -27.39 17.45
C GLN B 43 2.86 -27.94 16.13
N ARG B 44 2.17 -27.07 15.36
CA ARG B 44 1.70 -27.41 14.01
C ARG B 44 1.97 -26.25 13.03
N ALA B 45 2.27 -26.52 11.80
CA ALA B 45 2.36 -25.54 10.79
C ALA B 45 1.49 -25.90 9.64
N GLY B 46 1.01 -24.91 8.88
CA GLY B 46 0.24 -25.14 7.72
C GLY B 46 0.45 -24.09 6.64
N HIS B 47 0.29 -24.51 5.37
CA HIS B 47 0.38 -23.60 4.22
C HIS B 47 -0.90 -23.70 3.42
N ALA B 48 -1.32 -22.54 2.90
CA ALA B 48 -2.41 -22.43 1.92
C ALA B 48 -1.87 -21.56 0.81
N VAL B 49 -1.64 -22.16 -0.37
CA VAL B 49 -0.85 -21.52 -1.47
C VAL B 49 -1.68 -21.47 -2.71
N TYR B 50 -1.62 -20.36 -3.47
CA TYR B 50 -2.28 -20.34 -4.76
C TYR B 50 -1.52 -21.29 -5.68
N SER B 51 -2.24 -22.19 -6.38
CA SER B 51 -1.54 -23.27 -7.03
C SER B 51 -0.75 -22.91 -8.26
N GLN B 52 -1.14 -21.83 -8.93
CA GLN B 52 -0.50 -21.47 -10.21
C GLN B 52 0.74 -20.63 -9.96
N PRO B 53 1.87 -21.02 -10.50
CA PRO B 53 3.09 -20.23 -10.35
C PRO B 53 3.14 -19.03 -11.27
N PHE B 54 3.99 -18.08 -10.88
CA PHE B 54 4.25 -16.89 -11.73
C PHE B 54 5.75 -16.62 -11.70
N GLN B 55 6.19 -15.75 -12.56
CA GLN B 55 7.59 -15.32 -12.56
C GLN B 55 7.72 -13.85 -12.17
N LEU B 56 8.86 -13.50 -11.64
CA LEU B 56 9.11 -12.17 -11.17
C LEU B 56 9.97 -11.24 -12.03
N ARG B 57 10.56 -11.77 -13.09
CA ARG B 57 11.39 -10.86 -13.93
C ARG B 57 10.44 -9.82 -14.54
N ASP B 58 10.85 -8.56 -14.50
CA ASP B 58 10.08 -7.49 -15.10
C ASP B 58 8.61 -7.49 -14.70
N THR B 59 8.36 -7.67 -13.40
CA THR B 59 7.00 -7.83 -12.86
C THR B 59 6.81 -6.98 -11.60
N SER B 60 5.60 -6.39 -11.52
CA SER B 60 5.08 -5.81 -10.29
C SER B 60 3.83 -6.57 -9.87
N PHE B 61 3.53 -6.55 -8.59
CA PHE B 61 2.31 -7.14 -8.12
C PHE B 61 1.67 -6.35 -6.99
N TYR B 62 0.38 -6.63 -6.83
CA TYR B 62 -0.44 -6.07 -5.75
C TYR B 62 -1.28 -7.25 -5.23
N THR B 63 -1.31 -7.36 -3.89
CA THR B 63 -2.18 -8.32 -3.26
C THR B 63 -2.80 -7.74 -2.01
N THR B 64 -4.04 -8.16 -1.75
CA THR B 64 -4.70 -7.73 -0.49
C THR B 64 -5.46 -8.91 0.07
N PHE B 65 -5.57 -8.93 1.37
CA PHE B 65 -6.28 -10.01 2.04
C PHE B 65 -6.83 -9.47 3.34
N THR B 66 -7.89 -10.12 3.83
CA THR B 66 -8.42 -9.85 5.16
C THR B 66 -8.18 -11.07 6.03
N PHE B 67 -7.99 -10.84 7.32
CA PHE B 67 -7.60 -11.87 8.23
C PHE B 67 -8.14 -11.65 9.62
N VAL B 68 -8.22 -12.74 10.39
CA VAL B 68 -8.57 -12.70 11.77
C VAL B 68 -7.60 -13.62 12.52
N ILE B 69 -7.14 -13.14 13.68
CA ILE B 69 -6.40 -13.99 14.64
C ILE B 69 -7.33 -14.23 15.80
N ARG B 70 -7.63 -15.52 16.03
CA ARG B 70 -8.47 -15.95 17.18
C ARG B 70 -7.54 -16.39 18.30
N THR B 71 -7.44 -15.65 19.39
CA THR B 71 -6.63 -16.07 20.48
C THR B 71 -7.52 -16.61 21.58
N THR B 72 -6.97 -17.58 22.30
CA THR B 72 -7.74 -18.18 23.38
C THR B 72 -6.98 -18.04 24.67
N SER B 73 -5.94 -17.20 24.69
CA SER B 73 -5.28 -16.83 25.91
C SER B 73 -4.47 -15.55 25.72
N ASN B 74 -3.91 -15.03 26.82
CA ASN B 74 -3.04 -13.87 26.78
C ASN B 74 -1.65 -14.07 26.24
N SER B 75 -1.31 -15.32 25.96
CA SER B 75 0.00 -15.64 25.44
C SER B 75 -0.07 -16.58 24.21
N PRO B 76 -0.70 -16.08 23.14
CA PRO B 76 -0.75 -16.82 21.90
C PRO B 76 0.60 -16.97 21.20
N ALA B 77 0.68 -18.00 20.36
CA ALA B 77 1.85 -18.17 19.52
C ALA B 77 1.44 -19.00 18.31
N ASP B 78 2.03 -18.78 17.14
CA ASP B 78 3.20 -17.94 16.83
C ASP B 78 2.98 -16.85 15.81
N GLY B 79 1.89 -16.90 15.11
CA GLY B 79 1.55 -15.96 14.05
C GLY B 79 1.39 -16.59 12.69
N PHE B 80 1.46 -15.74 11.66
CA PHE B 80 1.40 -16.17 10.32
C PHE B 80 2.11 -15.22 9.38
N ALA B 81 2.24 -15.66 8.15
CA ALA B 81 2.83 -14.77 7.14
C ALA B 81 2.19 -15.00 5.79
N ILE B 82 2.21 -13.95 4.94
CA ILE B 82 2.07 -14.14 3.51
C ILE B 82 3.49 -14.24 2.95
N PHE B 83 3.69 -15.19 2.03
CA PHE B 83 5.05 -15.47 1.54
C PHE B 83 5.08 -15.87 0.10
N ILE B 84 6.28 -15.67 -0.50
CA ILE B 84 6.60 -16.14 -1.80
C ILE B 84 7.81 -17.08 -1.70
N ALA B 85 7.75 -18.17 -2.49
CA ALA B 85 8.80 -19.20 -2.41
C ALA B 85 8.86 -19.91 -3.77
N PRO B 86 10.00 -20.59 -4.04
CA PRO B 86 10.16 -21.30 -5.27
C PRO B 86 9.40 -22.60 -5.25
N PRO B 87 9.49 -23.38 -6.34
CA PRO B 87 8.67 -24.60 -6.42
C PRO B 87 9.00 -25.56 -5.35
N ASP B 88 8.03 -26.39 -4.99
CA ASP B 88 8.24 -27.52 -4.10
C ASP B 88 8.66 -27.03 -2.72
N PHE B 89 8.40 -25.75 -2.33
CA PHE B 89 8.69 -25.31 -1.00
C PHE B 89 7.82 -26.06 0.04
N PRO B 90 8.47 -26.76 0.95
CA PRO B 90 7.71 -27.61 1.87
C PRO B 90 7.23 -26.87 3.10
N VAL B 91 6.32 -27.47 3.85
CA VAL B 91 5.99 -26.94 5.17
C VAL B 91 7.20 -27.22 6.13
N LYS B 92 7.75 -26.14 6.66
CA LYS B 92 8.93 -26.25 7.49
C LYS B 92 8.50 -26.16 8.93
N ARG B 93 9.38 -25.75 9.83
CA ARG B 93 9.13 -26.01 11.27
C ARG B 93 8.01 -25.13 11.82
N TYR B 94 7.25 -25.77 12.72
CA TYR B 94 6.22 -25.13 13.57
C TYR B 94 6.89 -24.18 14.57
N GLY B 95 6.08 -23.63 15.44
CA GLY B 95 6.56 -22.65 16.40
C GLY B 95 7.02 -21.35 15.76
N GLY B 96 8.07 -20.79 16.31
CA GLY B 96 8.49 -19.45 15.92
C GLY B 96 9.07 -19.34 14.53
N TYR B 97 9.37 -20.49 13.93
CA TYR B 97 9.80 -20.58 12.52
C TYR B 97 8.70 -20.28 11.54
N LEU B 98 7.44 -20.26 12.03
CA LEU B 98 6.27 -19.86 11.22
C LEU B 98 6.01 -20.71 10.02
N GLY B 99 6.48 -21.98 10.08
CA GLY B 99 6.29 -22.84 8.96
C GLY B 99 7.23 -22.59 7.75
N LEU B 100 8.18 -21.65 7.90
CA LEU B 100 8.99 -21.16 6.80
C LEU B 100 10.45 -21.38 6.89
N PHE B 101 10.95 -21.87 8.01
CA PHE B 101 12.38 -22.04 8.30
C PHE B 101 12.60 -23.33 9.12
N GLU B 102 13.83 -23.81 9.04
CA GLU B 102 14.29 -24.93 9.93
C GLU B 102 15.28 -24.39 10.94
N PRO B 103 15.39 -24.99 12.12
CA PRO B 103 16.22 -24.43 13.19
C PRO B 103 17.63 -24.10 12.88
N ASN B 104 18.33 -24.99 12.21
CA ASN B 104 19.77 -24.69 12.15
CA ASN B 104 19.78 -24.81 12.05
C ASN B 104 20.20 -23.68 11.10
N THR B 105 19.26 -23.27 10.25
CA THR B 105 19.54 -22.32 9.21
C THR B 105 18.57 -21.14 9.19
N ALA B 106 17.75 -21.00 10.22
CA ALA B 106 16.69 -19.98 10.20
C ALA B 106 17.20 -18.56 10.08
N THR B 107 18.38 -18.28 10.58
CA THR B 107 18.91 -16.92 10.56
C THR B 107 19.98 -16.70 9.48
N ASN B 108 20.18 -17.70 8.60
CA ASN B 108 21.22 -17.64 7.61
C ASN B 108 20.66 -17.31 6.25
N THR B 109 20.93 -16.07 5.81
CA THR B 109 20.38 -15.64 4.53
C THR B 109 20.97 -16.28 3.31
N SER B 110 22.05 -17.05 3.51
CA SER B 110 22.66 -17.82 2.45
C SER B 110 22.02 -19.20 2.33
N ALA B 111 21.07 -19.55 3.20
CA ALA B 111 20.51 -20.87 3.28
C ALA B 111 18.99 -20.95 3.10
N ASN B 112 18.39 -19.84 2.73
CA ASN B 112 16.95 -19.78 2.52
C ASN B 112 16.63 -18.98 1.29
N LYS B 113 15.49 -19.29 0.66
CA LYS B 113 14.96 -18.53 -0.46
C LYS B 113 13.45 -18.42 -0.22
N VAL B 114 13.07 -17.37 0.53
CA VAL B 114 11.70 -17.14 0.99
C VAL B 114 11.61 -15.67 1.41
N VAL B 115 10.55 -15.03 0.91
CA VAL B 115 10.29 -13.63 1.28
C VAL B 115 8.87 -13.58 1.85
N ALA B 116 8.70 -12.86 2.94
CA ALA B 116 7.44 -12.90 3.64
C ALA B 116 7.12 -11.56 4.28
N VAL B 117 5.83 -11.38 4.57
CA VAL B 117 5.41 -10.32 5.52
C VAL B 117 4.75 -11.10 6.68
N GLU B 118 5.37 -11.01 7.86
CA GLU B 118 4.96 -11.80 9.00
C GLU B 118 4.17 -10.92 10.02
N PHE B 119 3.27 -11.61 10.72
CA PHE B 119 2.44 -11.10 11.76
C PHE B 119 2.80 -12.00 12.97
N ASP B 120 3.66 -11.48 13.86
CA ASP B 120 4.39 -12.30 14.82
C ASP B 120 3.83 -12.03 16.22
N THR B 121 3.17 -13.04 16.79
CA THR B 121 2.46 -12.88 18.06
C THR B 121 3.27 -13.30 19.28
N TRP B 122 4.44 -13.92 19.07
CA TRP B 122 5.21 -14.46 20.18
C TRP B 122 6.68 -13.97 20.04
N VAL B 123 7.16 -13.29 21.07
CA VAL B 123 8.54 -12.81 21.10
C VAL B 123 9.49 -14.00 21.38
N ASN B 124 10.30 -14.32 20.38
CA ASN B 124 11.32 -15.34 20.53
C ASN B 124 12.61 -14.78 21.05
N THR B 125 13.23 -15.52 21.94
CA THR B 125 14.58 -15.24 22.41
C THR B 125 15.65 -16.08 21.73
N GLU B 126 15.21 -17.10 20.94
CA GLU B 126 16.13 -18.02 20.25
C GLU B 126 16.90 -17.36 19.10
N TRP B 127 16.39 -16.19 18.67
CA TRP B 127 17.02 -15.34 17.67
C TRP B 127 16.60 -13.90 18.00
N LYS B 128 17.20 -12.94 17.29
CA LYS B 128 16.90 -11.56 17.54
C LYS B 128 15.54 -11.17 16.98
N GLU B 129 14.68 -10.64 17.87
CA GLU B 129 13.36 -10.09 17.55
C GLU B 129 13.15 -8.94 18.48
N PRO B 130 12.31 -8.00 18.09
CA PRO B 130 11.97 -6.96 19.08
C PRO B 130 11.25 -7.56 20.28
N ARG B 131 11.25 -6.81 21.37
CA ARG B 131 10.66 -7.23 22.64
C ARG B 131 9.20 -6.80 22.69
N TYR B 132 8.51 -6.99 21.63
CA TYR B 132 7.05 -6.80 21.59
C TYR B 132 6.54 -7.55 20.32
N ARG B 133 5.25 -7.76 20.28
CA ARG B 133 4.61 -8.34 19.10
C ARG B 133 4.85 -7.38 17.93
N HIS B 134 4.96 -7.92 16.72
CA HIS B 134 5.46 -7.11 15.61
C HIS B 134 5.01 -7.64 14.28
N ILE B 135 5.02 -6.72 13.30
CA ILE B 135 4.82 -7.05 11.90
C ILE B 135 6.17 -6.78 11.23
N GLY B 136 6.56 -7.71 10.35
CA GLY B 136 7.87 -7.60 9.73
C GLY B 136 7.95 -8.04 8.30
N ILE B 137 9.00 -7.52 7.59
CA ILE B 137 9.36 -8.07 6.31
C ILE B 137 10.54 -8.96 6.49
N ASP B 138 10.43 -10.21 5.99
CA ASP B 138 11.49 -11.21 6.11
C ASP B 138 12.05 -11.50 4.72
N VAL B 139 13.37 -11.45 4.62
CA VAL B 139 14.04 -11.82 3.38
C VAL B 139 15.11 -12.86 3.74
N ASN B 140 14.75 -14.12 3.49
CA ASN B 140 15.68 -15.26 3.63
C ASN B 140 16.16 -15.53 5.04
N SER B 141 15.42 -15.02 6.05
CA SER B 141 15.78 -15.19 7.47
C SER B 141 14.53 -14.94 8.32
N ILE B 142 14.45 -15.60 9.46
CA ILE B 142 13.40 -15.36 10.44
C ILE B 142 13.63 -14.07 11.22
N VAL B 143 14.83 -13.50 11.12
CA VAL B 143 15.17 -12.18 11.71
C VAL B 143 14.79 -11.12 10.68
N SER B 144 13.68 -10.43 10.94
CA SER B 144 13.11 -9.53 9.93
C SER B 144 14.13 -8.42 9.57
N VAL B 145 14.11 -8.03 8.32
CA VAL B 145 14.95 -6.93 7.82
C VAL B 145 14.35 -5.56 8.13
N ARG B 146 13.03 -5.54 8.30
CA ARG B 146 12.25 -4.33 8.62
C ARG B 146 11.14 -4.77 9.53
N VAL B 147 11.04 -4.15 10.71
CA VAL B 147 10.06 -4.58 11.68
C VAL B 147 9.47 -3.39 12.40
N THR B 148 8.20 -3.53 12.81
CA THR B 148 7.54 -2.49 13.57
C THR B 148 6.63 -3.09 14.63
N ARG B 149 6.42 -2.35 15.69
CA ARG B 149 5.56 -2.78 16.78
C ARG B 149 4.14 -2.96 16.29
N TRP B 150 3.52 -4.08 16.68
CA TRP B 150 2.13 -4.41 16.40
C TRP B 150 1.36 -4.26 17.74
N GLN B 151 0.44 -3.31 17.79
CA GLN B 151 -0.18 -2.98 19.07
C GLN B 151 -1.03 -4.11 19.58
N ASP B 152 -0.93 -4.41 20.87
CA ASP B 152 -1.74 -5.47 21.48
C ASP B 152 -3.23 -5.26 21.28
N LYS B 153 -3.66 -3.99 21.31
CA LYS B 153 -5.08 -3.76 21.09
C LYS B 153 -5.58 -4.30 19.73
N ASP B 154 -4.70 -4.23 18.72
CA ASP B 154 -5.04 -4.73 17.38
C ASP B 154 -4.88 -6.28 17.35
N VAL B 155 -3.77 -6.78 17.95
CA VAL B 155 -3.51 -8.23 17.97
C VAL B 155 -4.77 -8.99 18.52
N PHE B 156 -5.31 -8.46 19.63
CA PHE B 156 -6.36 -9.13 20.40
C PHE B 156 -7.77 -8.66 20.02
N SER B 157 -7.90 -7.82 18.99
CA SER B 157 -9.16 -7.19 18.66
C SER B 157 -10.26 -8.14 18.19
N ARG B 158 -9.88 -9.29 17.63
CA ARG B 158 -10.80 -10.14 16.92
C ARG B 158 -11.46 -9.47 15.71
N SER B 159 -10.86 -8.37 15.28
CA SER B 159 -11.32 -7.67 14.09
C SER B 159 -10.90 -8.38 12.83
N ILE B 160 -11.67 -8.16 11.76
CA ILE B 160 -11.25 -8.49 10.45
C ILE B 160 -10.37 -7.36 9.99
N ALA B 161 -9.06 -7.63 9.95
CA ALA B 161 -8.06 -6.68 9.51
C ALA B 161 -7.74 -6.85 8.04
N THR B 162 -7.10 -5.81 7.48
CA THR B 162 -6.77 -5.81 6.08
C THR B 162 -5.25 -5.61 5.90
N ALA B 163 -4.65 -6.38 4.98
CA ALA B 163 -3.26 -6.16 4.55
C ALA B 163 -3.25 -5.90 3.06
N HIS B 164 -2.37 -5.00 2.69
CA HIS B 164 -2.08 -4.69 1.29
C HIS B 164 -0.59 -4.92 1.12
N VAL B 165 -0.17 -5.72 0.16
CA VAL B 165 1.26 -5.97 -0.07
C VAL B 165 1.55 -5.75 -1.54
N GLY B 166 2.50 -4.89 -1.81
CA GLY B 166 2.82 -4.55 -3.16
C GLY B 166 4.31 -4.66 -3.44
N TYR B 167 4.63 -4.98 -4.67
CA TYR B 167 6.03 -5.04 -5.14
C TYR B 167 6.13 -4.23 -6.42
N ASP B 168 7.02 -3.21 -6.38
CA ASP B 168 7.33 -2.39 -7.51
C ASP B 168 8.59 -2.99 -8.16
N GLY B 169 8.40 -3.63 -9.32
CA GLY B 169 9.50 -4.28 -9.97
C GLY B 169 10.48 -3.35 -10.70
N ILE B 170 10.15 -2.06 -10.82
CA ILE B 170 11.10 -1.12 -11.37
C ILE B 170 12.04 -0.60 -10.24
N SER B 171 11.46 -0.16 -9.13
CA SER B 171 12.29 0.33 -8.04
C SER B 171 12.84 -0.77 -7.13
N LYS B 172 12.30 -2.01 -7.28
CA LYS B 172 12.72 -3.16 -6.46
C LYS B 172 12.37 -2.94 -4.98
N ILE B 173 11.08 -2.63 -4.74
CA ILE B 173 10.63 -2.32 -3.39
C ILE B 173 9.36 -3.08 -3.05
N LEU B 174 9.43 -3.77 -1.90
CA LEU B 174 8.30 -4.50 -1.34
C LEU B 174 7.71 -3.67 -0.19
N THR B 175 6.37 -3.48 -0.20
CA THR B 175 5.73 -2.66 0.82
C THR B 175 4.51 -3.40 1.35
N ALA B 176 4.29 -3.26 2.67
CA ALA B 176 3.06 -3.70 3.31
C ALA B 176 2.36 -2.53 4.01
N PHE B 177 1.05 -2.41 3.80
CA PHE B 177 0.19 -1.50 4.61
C PHE B 177 -0.82 -2.43 5.32
N VAL B 178 -0.95 -2.30 6.64
CA VAL B 178 -1.93 -3.13 7.37
C VAL B 178 -2.82 -2.18 8.13
N THR B 179 -4.14 -2.40 8.04
CA THR B 179 -5.12 -1.53 8.67
C THR B 179 -6.11 -2.35 9.51
N TYR B 180 -6.52 -1.73 10.63
CA TYR B 180 -7.54 -2.28 11.52
C TYR B 180 -8.75 -1.33 11.57
N PRO B 181 -9.97 -1.86 11.57
CA PRO B 181 -11.13 -0.97 11.68
C PRO B 181 -11.11 -0.25 13.01
N ASP B 182 -11.24 1.05 12.94
CA ASP B 182 -11.15 1.83 14.15
C ASP B 182 -9.89 1.43 15.04
N GLY B 183 -8.75 0.98 14.44
CA GLY B 183 -7.53 0.67 15.14
C GLY B 183 -6.29 1.22 14.44
N GLY B 184 -5.19 0.49 14.53
CA GLY B 184 -3.91 0.91 14.04
C GLY B 184 -3.75 0.73 12.55
N ASN B 185 -2.82 1.53 12.01
CA ASN B 185 -2.36 1.39 10.65
C ASN B 185 -0.83 1.22 10.75
N TYR B 186 -0.29 0.41 9.83
CA TYR B 186 1.10 0.03 9.82
C TYR B 186 1.67 0.07 8.42
N VAL B 187 2.88 0.62 8.32
CA VAL B 187 3.56 0.82 7.02
C VAL B 187 4.97 0.25 7.14
N LEU B 188 5.35 -0.62 6.21
CA LEU B 188 6.74 -1.10 6.12
C LEU B 188 7.14 -1.28 4.71
N SER B 189 8.36 -0.84 4.38
CA SER B 189 8.90 -1.01 3.04
C SER B 189 10.36 -1.43 3.08
N HIS B 190 10.79 -2.15 2.04
CA HIS B 190 12.16 -2.61 1.97
C HIS B 190 12.58 -2.80 0.53
N VAL B 191 13.81 -2.35 0.22
CA VAL B 191 14.38 -2.55 -1.10
C VAL B 191 14.91 -3.98 -1.19
N VAL B 192 14.38 -4.72 -2.15
CA VAL B 192 14.84 -6.07 -2.39
C VAL B 192 14.50 -6.44 -3.83
N ASP B 193 15.52 -6.99 -4.53
CA ASP B 193 15.34 -7.36 -5.92
C ASP B 193 14.85 -8.81 -6.01
N LEU B 194 13.54 -8.97 -6.09
CA LEU B 194 12.96 -10.29 -5.98
C LEU B 194 13.30 -11.18 -7.17
N ALA B 195 13.52 -10.61 -8.35
CA ALA B 195 13.84 -11.46 -9.49
C ALA B 195 15.27 -12.07 -9.37
N GLU B 196 16.13 -11.40 -8.60
CA GLU B 196 17.50 -11.90 -8.26
C GLU B 196 17.58 -12.99 -7.20
N ILE B 197 16.52 -12.95 -6.38
CA ILE B 197 16.35 -14.09 -5.41
C ILE B 197 15.68 -15.31 -6.08
N PHE B 198 14.66 -15.03 -6.89
CA PHE B 198 13.79 -16.02 -7.50
C PHE B 198 13.84 -15.95 -9.00
N PRO B 199 14.75 -16.70 -9.59
CA PRO B 199 14.92 -16.55 -11.08
C PRO B 199 13.98 -17.38 -11.93
N GLY B 200 13.16 -18.22 -11.30
CA GLY B 200 12.24 -19.06 -12.06
C GLY B 200 10.83 -18.88 -11.51
N ASP B 201 10.11 -19.97 -11.30
CA ASP B 201 8.74 -19.90 -10.87
C ASP B 201 8.71 -19.57 -9.36
N VAL B 202 7.63 -18.89 -8.96
CA VAL B 202 7.26 -18.73 -7.55
C VAL B 202 5.80 -18.96 -7.38
N ARG B 203 5.44 -19.28 -6.15
CA ARG B 203 4.08 -19.28 -5.73
C ARG B 203 3.90 -18.38 -4.54
N ILE B 204 2.70 -17.82 -4.41
CA ILE B 204 2.38 -16.97 -3.25
C ILE B 204 1.31 -17.66 -2.40
N GLY B 205 1.39 -17.44 -1.09
CA GLY B 205 0.48 -18.11 -0.16
C GLY B 205 0.71 -17.67 1.24
N PHE B 206 0.14 -18.44 2.16
CA PHE B 206 0.15 -18.13 3.56
C PHE B 206 0.70 -19.31 4.35
N SER B 207 1.44 -19.00 5.39
CA SER B 207 1.95 -20.01 6.33
C SER B 207 1.62 -19.53 7.76
N GLY B 208 1.06 -20.45 8.53
CA GLY B 208 0.78 -20.20 9.92
C GLY B 208 1.37 -21.26 10.81
N ALA B 209 1.63 -20.91 12.06
CA ALA B 209 2.19 -21.90 13.00
C ALA B 209 1.72 -21.67 14.42
N THR B 210 1.60 -22.80 15.13
CA THR B 210 1.49 -22.85 16.56
C THR B 210 2.78 -23.54 17.07
N GLY B 211 3.14 -23.38 18.34
CA GLY B 211 2.58 -22.41 19.27
C GLY B 211 1.46 -22.99 20.12
N GLN B 212 0.50 -22.10 20.42
CA GLN B 212 -0.52 -22.41 21.39
C GLN B 212 -1.59 -21.31 21.38
N TYR B 213 -2.81 -21.71 21.65
CA TYR B 213 -3.93 -20.77 21.97
C TYR B 213 -4.21 -19.74 20.87
N GLU B 214 -3.97 -20.14 19.61
CA GLU B 214 -4.11 -19.24 18.50
C GLU B 214 -4.50 -20.00 17.29
N THR B 215 -5.40 -19.44 16.49
CA THR B 215 -5.69 -19.90 15.16
C THR B 215 -5.70 -18.65 14.24
N GLN B 216 -5.21 -18.77 13.05
CA GLN B 216 -5.13 -17.71 12.06
C GLN B 216 -6.02 -18.04 10.89
N TYR B 217 -6.82 -17.07 10.46
CA TYR B 217 -7.76 -17.28 9.41
C TYR B 217 -7.66 -16.21 8.32
N ILE B 218 -7.66 -16.62 7.08
CA ILE B 218 -7.72 -15.70 5.94
C ILE B 218 -9.18 -15.71 5.45
N HIS B 219 -9.79 -14.51 5.37
CA HIS B 219 -11.20 -14.38 4.98
C HIS B 219 -11.45 -14.03 3.51
N SER B 220 -10.47 -13.37 2.86
CA SER B 220 -10.64 -12.93 1.50
C SER B 220 -9.21 -12.69 0.96
N TRP B 221 -9.03 -12.73 -0.37
CA TRP B 221 -7.69 -12.56 -0.95
C TRP B 221 -7.82 -12.26 -2.42
N SER B 222 -7.12 -11.22 -2.90
CA SER B 222 -7.03 -11.00 -4.33
C SER B 222 -5.56 -10.66 -4.69
N PHE B 223 -5.23 -10.85 -5.96
CA PHE B 223 -3.85 -10.67 -6.42
C PHE B 223 -3.92 -10.24 -7.88
N SER B 224 -2.97 -9.38 -8.26
CA SER B 224 -2.69 -9.10 -9.65
C SER B 224 -1.20 -8.83 -9.85
N SER B 225 -0.68 -9.35 -10.95
CA SER B 225 0.69 -9.02 -11.36
C SER B 225 0.69 -8.56 -12.81
N THR B 226 1.62 -7.66 -13.14
CA THR B 226 1.67 -7.02 -14.46
C THR B 226 3.13 -6.90 -14.86
N SER B 227 3.37 -6.95 -16.16
CA SER B 227 4.70 -6.76 -16.69
CA SER B 227 4.73 -6.77 -16.65
C SER B 227 5.10 -5.30 -16.57
N THR B 228 6.34 -5.03 -16.23
CA THR B 228 6.87 -3.66 -16.18
C THR B 228 7.42 -3.23 -17.57
N ASN B 229 7.42 -4.18 -18.53
CA ASN B 229 7.46 -3.92 -19.99
C ASN B 229 6.05 -3.76 -20.48
#